data_5SBZ
#
_entry.id   5SBZ
#
_cell.length_a   30.942
_cell.length_b   82.239
_cell.length_c   32.234
_cell.angle_alpha   90.000
_cell.angle_beta   117.900
_cell.angle_gamma   90.000
#
_symmetry.space_group_name_H-M   'P 1 21 1'
#
loop_
_entity.id
_entity.type
_entity.pdbx_description
1 polymer 'CD44 antigen'
2 non-polymer [(2R,5S)-2,5-dimethylmorpholin-4-yl](1,2,5-thiadiazol-3-yl)methanone
3 non-polymer 'DIMETHYL SULFOXIDE'
4 non-polymer 1,2-ETHANEDIOL
5 water water
#
_entity_poly.entity_id   1
_entity_poly.type   'polypeptide(L)'
_entity_poly.pdbx_seq_one_letter_code
;MNQIDLNVTCRYAGVFHVEKNGRYSISRTEAADLCQAFNSTLPTMDQMKLALSKGFETCRYGFIEGNVVIPRIHPNAICA
ANHTGVYILVTSNTSHYDTYCFNASAPPEEDCTSVTDLPNSFDGPVTITIVNRDGTRYSKKGEYRTHQEDID
;
_entity_poly.pdbx_strand_id   A
#
# COMPACT_ATOMS: atom_id res chain seq x y z
N ASN A 2 -16.93 -7.04 -11.88
CA ASN A 2 -15.51 -7.41 -11.78
C ASN A 2 -14.83 -6.12 -11.34
N GLN A 3 -14.69 -5.95 -10.03
CA GLN A 3 -14.27 -4.69 -9.45
C GLN A 3 -13.27 -4.88 -8.33
N ILE A 4 -12.27 -4.00 -8.26
CA ILE A 4 -11.28 -4.01 -7.17
C ILE A 4 -11.19 -2.60 -6.65
N ASP A 5 -11.32 -2.42 -5.32
N ASP A 5 -11.26 -2.44 -5.33
CA ASP A 5 -11.14 -1.11 -4.67
CA ASP A 5 -11.11 -1.14 -4.68
C ASP A 5 -9.74 -1.15 -4.05
C ASP A 5 -9.76 -1.11 -3.98
N LEU A 6 -9.01 -0.05 -4.23
CA LEU A 6 -7.68 0.10 -3.64
C LEU A 6 -7.71 1.36 -2.81
N ASN A 7 -7.77 1.21 -1.48
CA ASN A 7 -7.75 2.37 -0.58
C ASN A 7 -6.29 2.76 -0.34
N VAL A 8 -5.98 4.03 -0.63
CA VAL A 8 -4.58 4.51 -0.50
C VAL A 8 -4.48 5.69 0.45
N THR A 9 -3.28 5.90 0.96
CA THR A 9 -3.01 6.98 1.90
C THR A 9 -2.20 8.11 1.26
N CYS A 10 -1.97 9.16 2.07
CA CYS A 10 -0.90 10.13 1.88
C CYS A 10 0.41 9.37 1.61
N ARG A 11 1.33 10.03 0.93
CA ARG A 11 2.69 9.49 0.76
C ARG A 11 3.59 10.23 1.74
N TYR A 12 4.58 9.54 2.25
CA TYR A 12 5.60 10.11 3.14
C TYR A 12 6.93 9.70 2.63
N ALA A 13 7.70 10.67 2.06
CA ALA A 13 8.95 10.30 1.41
C ALA A 13 8.73 9.18 0.38
N GLY A 14 7.61 9.31 -0.36
CA GLY A 14 7.27 8.39 -1.43
C GLY A 14 6.55 7.13 -1.01
N VAL A 15 6.51 6.81 0.28
CA VAL A 15 5.91 5.56 0.76
C VAL A 15 4.42 5.79 1.08
N PHE A 16 3.60 4.82 0.68
CA PHE A 16 2.15 4.85 0.95
C PHE A 16 1.66 3.44 1.22
N HIS A 17 0.47 3.38 1.80
CA HIS A 17 -0.23 2.14 2.14
C HIS A 17 -1.39 1.91 1.16
N VAL A 18 -1.59 0.61 0.80
CA VAL A 18 -2.67 0.23 -0.10
C VAL A 18 -3.39 -0.98 0.54
N GLU A 19 -4.70 -0.82 0.77
CA GLU A 19 -5.55 -1.89 1.28
C GLU A 19 -6.53 -2.25 0.16
N LYS A 20 -6.59 -3.55 -0.21
CA LYS A 20 -7.45 -4.01 -1.27
CA LYS A 20 -7.46 -4.00 -1.27
C LYS A 20 -8.77 -4.53 -0.74
N ASN A 21 -9.88 -4.01 -1.25
CA ASN A 21 -11.23 -4.52 -0.93
C ASN A 21 -11.56 -4.57 0.55
N GLY A 22 -11.02 -3.64 1.31
CA GLY A 22 -11.35 -3.51 2.71
C GLY A 22 -11.01 -4.68 3.60
N ARG A 23 -10.05 -5.52 3.17
CA ARG A 23 -9.63 -6.63 4.00
CA ARG A 23 -9.68 -6.73 3.92
C ARG A 23 -8.23 -7.05 3.64
N TYR A 24 -7.56 -7.80 4.55
CA TYR A 24 -6.21 -8.29 4.25
C TYR A 24 -6.37 -9.31 3.12
N SER A 25 -5.92 -8.99 1.93
CA SER A 25 -6.25 -9.82 0.76
C SER A 25 -5.18 -9.84 -0.32
N ILE A 26 -3.98 -9.38 0.00
CA ILE A 26 -2.91 -9.30 -0.99
C ILE A 26 -1.80 -10.29 -0.70
N SER A 27 -1.43 -11.10 -1.68
CA SER A 27 -0.30 -12.00 -1.55
C SER A 27 1.01 -11.26 -1.82
N ARG A 28 2.17 -11.88 -1.49
CA ARG A 28 3.44 -11.22 -1.80
C ARG A 28 3.60 -10.97 -3.31
N THR A 29 3.24 -11.94 -4.15
CA THR A 29 3.36 -11.72 -5.62
C THR A 29 2.43 -10.61 -6.10
N GLU A 30 1.20 -10.58 -5.58
CA GLU A 30 0.25 -9.53 -5.98
CA GLU A 30 0.28 -9.54 -5.98
C GLU A 30 0.72 -8.16 -5.54
N ALA A 31 1.39 -8.08 -4.37
CA ALA A 31 1.87 -6.82 -3.86
C ALA A 31 2.90 -6.20 -4.77
N ALA A 32 3.86 -7.00 -5.26
CA ALA A 32 4.87 -6.46 -6.18
C ALA A 32 4.22 -5.96 -7.46
N ASP A 33 3.21 -6.72 -7.98
CA ASP A 33 2.56 -6.33 -9.22
C ASP A 33 1.72 -5.07 -9.01
N LEU A 34 1.08 -4.95 -7.85
CA LEU A 34 0.26 -3.81 -7.53
CA LEU A 34 0.24 -3.81 -7.49
C LEU A 34 1.12 -2.56 -7.44
N CYS A 35 2.26 -2.63 -6.72
CA CYS A 35 3.13 -1.45 -6.66
C CYS A 35 3.65 -1.11 -8.06
N GLN A 36 3.97 -2.13 -8.88
CA GLN A 36 4.45 -1.88 -10.25
C GLN A 36 3.40 -1.10 -11.07
N ALA A 37 2.09 -1.36 -10.84
CA ALA A 37 1.03 -0.61 -11.55
C ALA A 37 1.00 0.85 -11.13
N PHE A 38 1.49 1.18 -9.90
CA PHE A 38 1.60 2.54 -9.44
C PHE A 38 3.01 3.11 -9.77
N ASN A 39 3.78 2.50 -10.72
CA ASN A 39 5.13 2.97 -11.04
C ASN A 39 5.99 3.02 -9.74
N SER A 40 5.75 2.03 -8.86
CA SER A 40 6.35 1.98 -7.53
C SER A 40 6.92 0.60 -7.28
N THR A 41 7.64 0.45 -6.16
CA THR A 41 8.23 -0.82 -5.77
C THR A 41 7.88 -1.05 -4.30
N LEU A 42 8.09 -2.27 -3.82
CA LEU A 42 7.94 -2.52 -2.37
CA LEU A 42 7.94 -2.56 -2.38
C LEU A 42 9.02 -1.73 -1.66
N PRO A 43 8.69 -0.98 -0.62
CA PRO A 43 9.74 -0.17 0.04
C PRO A 43 10.81 -1.02 0.67
N THR A 44 12.05 -0.53 0.70
CA THR A 44 13.06 -1.15 1.53
C THR A 44 12.76 -0.75 2.97
N MET A 45 13.37 -1.47 3.92
CA MET A 45 13.25 -1.11 5.33
C MET A 45 13.80 0.34 5.55
N ASP A 46 14.94 0.71 4.92
CA ASP A 46 15.44 2.09 5.07
C ASP A 46 14.43 3.10 4.54
N GLN A 47 13.80 2.83 3.38
CA GLN A 47 12.80 3.78 2.85
C GLN A 47 11.61 3.91 3.80
N MET A 48 11.19 2.78 4.40
CA MET A 48 10.06 2.83 5.33
C MET A 48 10.45 3.59 6.59
N LYS A 49 11.67 3.39 7.12
CA LYS A 49 12.08 4.14 8.32
C LYS A 49 12.12 5.63 8.05
N LEU A 50 12.54 6.07 6.83
CA LEU A 50 12.54 7.50 6.56
C LEU A 50 11.10 8.01 6.48
N ALA A 51 10.19 7.24 5.86
CA ALA A 51 8.78 7.64 5.77
C ALA A 51 8.19 7.82 7.18
N LEU A 52 8.45 6.87 8.08
CA LEU A 52 8.05 6.95 9.49
CA LEU A 52 7.99 6.98 9.45
C LEU A 52 8.51 8.28 10.10
N SER A 53 9.79 8.60 9.88
CA SER A 53 10.35 9.83 10.45
C SER A 53 9.65 11.11 9.95
N LYS A 54 9.03 11.05 8.77
CA LYS A 54 8.31 12.18 8.19
C LYS A 54 6.83 12.25 8.61
N GLY A 55 6.35 11.25 9.38
CA GLY A 55 4.97 11.30 9.86
C GLY A 55 4.10 10.11 9.49
N PHE A 56 4.65 9.10 8.85
CA PHE A 56 3.86 7.94 8.41
C PHE A 56 3.58 6.93 9.51
N GLU A 57 2.30 6.64 9.75
CA GLU A 57 1.93 5.48 10.58
C GLU A 57 0.62 4.94 10.06
N THR A 58 0.42 3.64 10.25
CA THR A 58 -0.88 3.01 9.95
C THR A 58 -1.17 2.05 11.13
N CYS A 59 -2.32 1.39 11.07
CA CYS A 59 -2.65 0.33 12.02
C CYS A 59 -2.93 -0.96 11.27
N ARG A 60 -2.19 -1.22 10.18
CA ARG A 60 -2.44 -2.38 9.33
C ARG A 60 -1.12 -3.02 8.90
N TYR A 61 -1.08 -4.35 8.93
CA TYR A 61 0.09 -5.09 8.41
C TYR A 61 0.16 -4.97 6.89
N GLY A 62 1.37 -4.70 6.38
CA GLY A 62 1.54 -4.68 4.94
C GLY A 62 2.96 -5.05 4.54
N PHE A 63 3.11 -5.61 3.34
CA PHE A 63 4.42 -6.00 2.85
C PHE A 63 5.31 -4.81 2.60
N ILE A 64 6.58 -5.00 2.93
CA ILE A 64 7.69 -4.22 2.38
C ILE A 64 8.63 -5.27 1.74
N GLU A 65 9.80 -4.88 1.23
CA GLU A 65 10.78 -5.85 0.75
C GLU A 65 11.30 -6.62 1.97
N GLY A 66 11.07 -7.92 1.97
CA GLY A 66 11.63 -8.82 2.96
C GLY A 66 10.82 -9.08 4.19
N ASN A 67 9.88 -8.19 4.55
CA ASN A 67 9.11 -8.36 5.78
C ASN A 67 7.69 -7.84 5.64
N VAL A 68 6.88 -8.11 6.65
CA VAL A 68 5.53 -7.57 6.80
C VAL A 68 5.57 -6.68 8.05
N VAL A 69 5.16 -5.40 7.93
CA VAL A 69 5.36 -4.42 9.00
C VAL A 69 4.15 -3.54 9.23
N ILE A 70 4.19 -2.79 10.34
CA ILE A 70 3.29 -1.70 10.66
C ILE A 70 4.16 -0.52 11.11
N PRO A 71 4.19 0.60 10.39
CA PRO A 71 4.89 1.78 10.92
C PRO A 71 4.04 2.45 11.99
N ARG A 72 4.67 2.67 13.18
CA ARG A 72 3.98 3.31 14.28
C ARG A 72 4.72 4.50 14.82
N ILE A 73 4.00 5.58 15.07
CA ILE A 73 4.55 6.76 15.73
C ILE A 73 4.03 6.79 17.16
N HIS A 74 2.70 6.71 17.32
CA HIS A 74 2.10 6.83 18.66
C HIS A 74 1.77 5.45 19.20
N PRO A 75 2.10 5.16 20.46
CA PRO A 75 1.77 3.84 21.01
C PRO A 75 0.26 3.69 21.16
N ASN A 76 -0.29 2.62 20.59
CA ASN A 76 -1.71 2.35 20.69
C ASN A 76 -1.82 0.85 20.94
N ALA A 77 -2.54 0.46 22.03
CA ALA A 77 -2.60 -0.94 22.42
C ALA A 77 -3.12 -1.90 21.36
N ILE A 78 -3.98 -1.44 20.46
CA ILE A 78 -4.53 -2.33 19.42
C ILE A 78 -3.79 -2.21 18.07
N CYS A 79 -2.67 -1.48 18.03
CA CYS A 79 -1.89 -1.32 16.80
C CYS A 79 -0.48 -1.79 17.10
N ALA A 80 -0.07 -2.94 16.56
CA ALA A 80 1.29 -3.45 16.75
C ALA A 80 1.65 -3.62 18.21
N ALA A 81 0.68 -4.10 19.01
CA ALA A 81 0.90 -4.36 20.44
C ALA A 81 1.59 -3.21 21.19
N ASN A 82 1.16 -1.96 20.93
CA ASN A 82 1.65 -0.76 21.61
C ASN A 82 3.08 -0.33 21.28
N HIS A 83 3.69 -0.95 20.26
CA HIS A 83 5.04 -0.57 19.88
C HIS A 83 5.07 0.70 19.06
N THR A 84 6.24 1.32 19.04
CA THR A 84 6.56 2.42 18.12
C THR A 84 7.72 2.01 17.22
N GLY A 85 7.93 2.76 16.14
CA GLY A 85 8.93 2.42 15.15
C GLY A 85 8.31 1.56 14.08
N VAL A 86 9.14 1.03 13.19
CA VAL A 86 8.67 0.08 12.19
C VAL A 86 8.53 -1.28 12.88
N TYR A 87 7.30 -1.67 13.21
CA TYR A 87 7.05 -2.93 13.88
C TYR A 87 7.06 -4.04 12.88
N ILE A 88 7.88 -5.07 13.15
CA ILE A 88 7.99 -6.21 12.25
C ILE A 88 7.16 -7.39 12.74
N LEU A 89 6.28 -7.89 11.87
CA LEU A 89 5.53 -9.11 12.19
C LEU A 89 6.49 -10.28 12.26
N VAL A 90 6.45 -11.00 13.37
CA VAL A 90 7.35 -12.16 13.57
C VAL A 90 6.65 -13.48 13.32
N THR A 91 5.46 -13.69 13.93
CA THR A 91 4.81 -14.98 13.89
C THR A 91 3.40 -14.86 13.41
N SER A 92 3.10 -15.51 12.29
CA SER A 92 1.74 -15.55 11.77
C SER A 92 1.56 -16.87 11.02
N ASN A 93 0.37 -17.44 11.07
CA ASN A 93 0.08 -18.64 10.28
C ASN A 93 -0.13 -18.29 8.80
N THR A 94 -0.56 -17.03 8.50
CA THR A 94 -1.18 -16.69 7.23
C THR A 94 -0.34 -15.79 6.33
N SER A 95 -0.76 -15.69 5.04
CA SER A 95 0.07 -15.14 3.98
C SER A 95 -0.41 -13.89 3.32
N HIS A 96 -1.64 -13.42 3.64
CA HIS A 96 -2.24 -12.29 2.92
C HIS A 96 -2.37 -11.06 3.79
N TYR A 97 -1.83 -9.94 3.30
CA TYR A 97 -1.81 -8.69 4.09
C TYR A 97 -2.24 -7.53 3.18
N ASP A 98 -2.03 -6.29 3.64
CA ASP A 98 -2.11 -5.14 2.75
C ASP A 98 -0.70 -5.01 2.12
N THR A 99 -0.44 -3.91 1.40
CA THR A 99 0.94 -3.65 0.98
C THR A 99 1.29 -2.21 1.20
N TYR A 100 2.61 -1.97 1.28
CA TYR A 100 3.13 -0.62 1.13
C TYR A 100 3.79 -0.55 -0.24
N CYS A 101 3.88 0.67 -0.80
CA CYS A 101 4.52 0.92 -2.10
C CYS A 101 5.38 2.16 -1.92
N PHE A 102 6.41 2.26 -2.77
CA PHE A 102 7.32 3.39 -2.78
C PHE A 102 7.45 3.95 -4.16
N ASN A 103 7.16 5.26 -4.32
CA ASN A 103 7.29 5.95 -5.61
C ASN A 103 8.39 6.99 -5.45
N ALA A 104 9.52 6.75 -6.11
CA ALA A 104 10.66 7.65 -6.01
C ALA A 104 10.42 9.04 -6.51
N SER A 105 9.40 9.24 -7.37
CA SER A 105 9.11 10.56 -7.93
CA SER A 105 9.15 10.58 -7.90
C SER A 105 8.18 11.40 -7.07
N ALA A 106 7.67 10.83 -5.95
CA ALA A 106 6.77 11.59 -5.08
C ALA A 106 7.56 12.69 -4.34
N PRO A 107 6.88 13.57 -3.60
CA PRO A 107 7.60 14.61 -2.84
C PRO A 107 8.43 14.03 -1.69
N PRO A 108 9.44 14.78 -1.19
CA PRO A 108 10.35 14.19 -0.18
C PRO A 108 9.74 13.99 1.21
N GLU A 109 8.70 14.78 1.55
CA GLU A 109 8.18 14.70 2.90
C GLU A 109 6.69 14.28 2.87
N GLU A 110 5.79 14.92 3.60
CA GLU A 110 4.39 14.49 3.60
C GLU A 110 3.69 15.03 2.38
N ASP A 111 3.02 14.16 1.65
CA ASP A 111 2.19 14.53 0.52
C ASP A 111 0.81 13.95 0.73
N CYS A 112 -0.11 14.78 1.23
CA CYS A 112 -1.48 14.38 1.48
C CYS A 112 -2.45 14.85 0.41
N THR A 113 -1.94 15.03 -0.82
CA THR A 113 -2.82 15.21 -1.97
C THR A 113 -3.35 13.82 -2.34
N SER A 114 -4.41 13.80 -3.15
CA SER A 114 -5.01 12.55 -3.56
CA SER A 114 -5.02 12.56 -3.66
C SER A 114 -4.22 11.87 -4.71
N VAL A 115 -4.35 10.56 -4.78
CA VAL A 115 -3.77 9.74 -5.84
C VAL A 115 -4.88 9.73 -6.94
N THR A 116 -4.54 10.14 -8.20
CA THR A 116 -5.50 10.35 -9.29
C THR A 116 -5.20 9.55 -10.55
N ASP A 117 -4.43 8.45 -10.43
CA ASP A 117 -4.02 7.66 -11.60
C ASP A 117 -3.39 6.33 -11.15
N LEU A 118 -3.43 5.32 -12.03
CA LEU A 118 -2.79 4.02 -11.82
C LEU A 118 -2.04 3.90 -13.16
N PRO A 119 -0.85 4.50 -13.29
CA PRO A 119 -0.25 4.72 -14.64
C PRO A 119 0.31 3.55 -15.38
N ASN A 120 0.63 2.47 -14.67
CA ASN A 120 1.27 1.32 -15.30
C ASN A 120 0.46 0.05 -15.23
N SER A 121 -0.87 0.18 -15.04
CA SER A 121 -1.74 -0.99 -15.17
C SER A 121 -1.80 -1.33 -16.69
N PHE A 122 -2.18 -2.54 -16.97
CA PHE A 122 -2.22 -3.02 -18.36
C PHE A 122 -3.66 -3.35 -18.77
N ASP A 123 -3.84 -3.68 -20.06
CA ASP A 123 -5.17 -3.98 -20.58
C ASP A 123 -5.81 -5.14 -19.83
N GLY A 124 -7.09 -4.99 -19.55
CA GLY A 124 -7.80 -6.07 -18.87
C GLY A 124 -9.22 -5.71 -18.58
N PRO A 125 -9.93 -6.64 -17.93
CA PRO A 125 -11.38 -6.49 -17.78
C PRO A 125 -11.90 -5.94 -16.47
N VAL A 126 -11.02 -5.66 -15.53
CA VAL A 126 -11.43 -5.27 -14.18
C VAL A 126 -11.64 -3.78 -14.04
N THR A 127 -12.70 -3.35 -13.35
CA THR A 127 -12.84 -1.94 -12.99
C THR A 127 -12.03 -1.75 -11.71
N ILE A 128 -10.93 -1.03 -11.80
CA ILE A 128 -10.05 -0.80 -10.65
C ILE A 128 -10.29 0.63 -10.17
N THR A 129 -10.67 0.78 -8.89
CA THR A 129 -10.97 2.09 -8.33
C THR A 129 -10.02 2.42 -7.20
N ILE A 130 -9.30 3.51 -7.36
CA ILE A 130 -8.43 4.06 -6.32
CA ILE A 130 -8.44 4.05 -6.32
C ILE A 130 -9.34 4.91 -5.44
N VAL A 131 -9.35 4.61 -4.12
CA VAL A 131 -10.17 5.36 -3.18
C VAL A 131 -9.27 6.07 -2.22
N ASN A 132 -9.32 7.40 -2.22
CA ASN A 132 -8.56 8.20 -1.30
C ASN A 132 -9.22 8.31 0.04
N ARG A 133 -8.46 8.71 1.07
CA ARG A 133 -9.02 8.85 2.41
CA ARG A 133 -9.03 8.84 2.41
C ARG A 133 -10.12 9.89 2.46
N ASP A 134 -10.01 10.94 1.61
CA ASP A 134 -11.07 11.95 1.55
C ASP A 134 -12.24 11.54 0.65
N GLY A 135 -12.25 10.28 0.20
CA GLY A 135 -13.36 9.72 -0.57
C GLY A 135 -13.25 9.92 -2.06
N THR A 136 -12.31 10.80 -2.50
CA THR A 136 -12.19 11.00 -3.94
C THR A 136 -11.73 9.74 -4.63
N ARG A 137 -12.31 9.46 -5.80
CA ARG A 137 -12.06 8.22 -6.50
CA ARG A 137 -12.06 8.22 -6.50
C ARG A 137 -11.58 8.42 -7.92
N TYR A 138 -10.76 7.48 -8.37
CA TYR A 138 -10.27 7.45 -9.75
C TYR A 138 -10.44 6.01 -10.20
N SER A 139 -11.11 5.79 -11.31
CA SER A 139 -11.35 4.43 -11.78
C SER A 139 -10.84 4.25 -13.18
N LYS A 140 -10.45 3.02 -13.53
CA LYS A 140 -10.04 2.69 -14.89
C LYS A 140 -10.26 1.20 -15.07
N LYS A 141 -10.51 0.80 -16.33
CA LYS A 141 -10.64 -0.61 -16.67
C LYS A 141 -9.25 -1.16 -16.99
N GLY A 142 -8.87 -2.27 -16.38
CA GLY A 142 -7.56 -2.86 -16.67
C GLY A 142 -7.28 -4.10 -15.86
N GLU A 143 -5.98 -4.31 -15.64
CA GLU A 143 -5.52 -5.43 -14.81
C GLU A 143 -4.11 -5.06 -14.35
N TYR A 144 -3.69 -5.58 -13.19
CA TYR A 144 -2.31 -5.43 -12.73
C TYR A 144 -1.71 -6.77 -12.28
N ARG A 145 -2.51 -7.83 -12.09
CA ARG A 145 -2.02 -9.10 -11.56
C ARG A 145 -1.44 -9.93 -12.68
N THR A 146 -0.17 -10.30 -12.55
CA THR A 146 0.52 -11.09 -13.56
C THR A 146 0.55 -12.57 -13.23
N HIS A 147 0.24 -12.96 -12.00
CA HIS A 147 0.27 -14.38 -11.60
C HIS A 147 -1.18 -14.90 -11.55
N GLN A 148 -1.49 -15.98 -12.29
CA GLN A 148 -2.84 -16.52 -12.30
C GLN A 148 -3.36 -16.96 -10.94
N GLU A 149 -2.49 -17.45 -10.05
CA GLU A 149 -2.94 -17.86 -8.70
C GLU A 149 -3.45 -16.70 -7.87
N ASP A 150 -3.12 -15.44 -8.25
CA ASP A 150 -3.64 -14.26 -7.56
C ASP A 150 -5.00 -13.80 -8.13
N ILE A 151 -5.46 -14.38 -9.25
CA ILE A 151 -6.73 -13.96 -9.86
C ILE A 151 -7.87 -14.88 -9.50
#